data_9RQA
#
_entry.id   9RQA
#
_cell.length_a   68.115
_cell.length_b   90.139
_cell.length_c   44.833
_cell.angle_alpha   90.000
_cell.angle_beta   90.000
_cell.angle_gamma   90.000
#
_symmetry.space_group_name_H-M   'P 21 21 2'
#
loop_
_entity.id
_entity.type
_entity.pdbx_description
1 polymer 'FosA family fosfomycin resistance glutathione transferase'
2 non-polymer 1,2-ETHANEDIOL
3 non-polymer 'MANGANESE (II) ION'
4 non-polymer 4-pyridin-2-ylphenol
5 non-polymer 'DIMETHYL SULFOXIDE'
6 water water
#
_entity_poly.entity_id   1
_entity_poly.type   'polypeptide(L)'
_entity_poly.pdbx_seq_one_letter_code
;MLSGLNHLTLAVSQLAPSVAFYQQLLGMTLHARWDSGAYLSCGDLWLCLSLDPQRRVTPPEESDYTHYAFSISEADFASF
AARLEAAGVAVWKLNRSEGASHYFLDPDGHKLELHVGSLAQRLAACREQPYKGMVFFEQHHHHHH
;
_entity_poly.pdbx_strand_id   A,B
#
loop_
_chem_comp.id
_chem_comp.type
_chem_comp.name
_chem_comp.formula
DMS non-polymer 'DIMETHYL SULFOXIDE' 'C2 H6 O S'
EDO non-polymer 1,2-ETHANEDIOL 'C2 H6 O2'
MN non-polymer 'MANGANESE (II) ION' 'Mn 2'
UI4 non-polymer 4-pyridin-2-ylphenol 'C11 H9 N O'
#
# COMPACT_ATOMS: atom_id res chain seq x y z
N MET A 1 6.45 -16.59 8.67
CA MET A 1 5.59 -15.43 8.98
C MET A 1 5.53 -14.48 7.79
N LEU A 2 4.86 -13.35 7.95
CA LEU A 2 4.85 -12.34 6.90
C LEU A 2 6.13 -11.52 6.98
N SER A 3 6.67 -11.17 5.80
N SER A 3 6.69 -11.20 5.82
CA SER A 3 7.99 -10.59 5.73
CA SER A 3 7.88 -10.37 5.82
C SER A 3 8.04 -9.18 5.15
C SER A 3 7.84 -9.44 4.62
N GLY A 4 6.93 -8.62 4.72
N GLY A 4 7.34 -8.23 4.84
CA GLY A 4 6.92 -7.28 4.18
CA GLY A 4 7.37 -7.22 3.83
C GLY A 4 5.83 -7.17 3.14
C GLY A 4 6.11 -7.23 2.98
N LEU A 5 5.93 -6.10 2.34
CA LEU A 5 4.94 -5.90 1.28
C LEU A 5 5.49 -6.58 0.02
N ASN A 6 4.75 -7.53 -0.48
CA ASN A 6 5.09 -8.19 -1.74
C ASN A 6 4.83 -7.29 -2.93
N HIS A 7 3.65 -6.68 -2.97
CA HIS A 7 3.33 -5.69 -4.00
C HIS A 7 2.17 -4.83 -3.54
N LEU A 8 2.08 -3.65 -4.17
CA LEU A 8 0.98 -2.72 -4.05
C LEU A 8 0.26 -2.73 -5.39
N THR A 9 -1.04 -2.99 -5.39
CA THR A 9 -1.84 -2.94 -6.60
C THR A 9 -2.84 -1.82 -6.48
N LEU A 10 -2.78 -0.89 -7.43
CA LEU A 10 -3.73 0.21 -7.51
C LEU A 10 -4.68 0.00 -8.69
N ALA A 11 -5.98 0.04 -8.39
CA ALA A 11 -6.96 0.03 -9.47
C ALA A 11 -6.96 1.39 -10.15
N VAL A 12 -6.98 1.40 -11.48
CA VAL A 12 -6.95 2.63 -12.25
C VAL A 12 -8.08 2.62 -13.26
N SER A 13 -8.60 3.81 -13.57
CA SER A 13 -9.69 3.93 -14.53
C SER A 13 -9.19 4.05 -15.97
N GLN A 14 -8.02 4.61 -16.17
CA GLN A 14 -7.44 4.80 -17.51
C GLN A 14 -5.97 4.43 -17.42
N LEU A 15 -5.57 3.36 -18.08
CA LEU A 15 -4.26 2.80 -17.84
C LEU A 15 -3.14 3.70 -18.33
N ALA A 16 -3.23 4.23 -19.56
CA ALA A 16 -2.13 5.02 -20.08
C ALA A 16 -1.83 6.25 -19.24
N PRO A 17 -2.81 7.08 -18.87
CA PRO A 17 -2.49 8.24 -18.01
C PRO A 17 -1.90 7.84 -16.67
N SER A 18 -2.35 6.71 -16.11
N SER A 18 -2.37 6.73 -16.11
CA SER A 18 -1.77 6.29 -14.83
CA SER A 18 -1.79 6.26 -14.85
C SER A 18 -0.32 5.82 -15.00
C SER A 18 -0.33 5.90 -15.04
N VAL A 19 -0.04 5.06 -16.04
CA VAL A 19 1.35 4.70 -16.30
C VAL A 19 2.20 5.94 -16.47
N ALA A 20 1.69 6.92 -17.23
CA ALA A 20 2.47 8.12 -17.45
C ALA A 20 2.73 8.86 -16.13
N PHE A 21 1.74 8.91 -15.25
CA PHE A 21 1.92 9.56 -13.96
C PHE A 21 3.03 8.90 -13.17
N TYR A 22 2.97 7.59 -13.00
CA TYR A 22 3.95 6.90 -12.15
C TYR A 22 5.33 6.84 -12.77
N GLN A 23 5.41 6.66 -14.09
CA GLN A 23 6.70 6.56 -14.75
C GLN A 23 7.27 7.94 -15.10
N GLN A 24 6.51 8.75 -15.85
CA GLN A 24 7.07 10.02 -16.31
C GLN A 24 7.17 11.04 -15.19
N LEU A 25 6.10 11.20 -14.41
CA LEU A 25 6.11 12.23 -13.37
C LEU A 25 6.84 11.79 -12.13
N LEU A 26 6.56 10.58 -11.65
CA LEU A 26 7.19 10.16 -10.41
C LEU A 26 8.51 9.44 -10.61
N GLY A 27 8.87 9.06 -11.83
CA GLY A 27 10.18 8.49 -12.08
C GLY A 27 10.30 7.02 -11.82
N MET A 28 9.19 6.31 -11.61
CA MET A 28 9.31 4.89 -11.35
C MET A 28 9.68 4.16 -12.64
N THR A 29 10.17 2.94 -12.47
CA THR A 29 10.65 2.14 -13.59
C THR A 29 9.51 1.30 -14.15
N LEU A 30 9.23 1.44 -15.45
CA LEU A 30 8.22 0.63 -16.11
C LEU A 30 8.86 -0.66 -16.63
N HIS A 31 8.33 -1.81 -16.23
CA HIS A 31 8.84 -3.09 -16.68
C HIS A 31 8.00 -3.77 -17.74
N ALA A 32 6.68 -3.62 -17.69
CA ALA A 32 5.78 -4.25 -18.64
C ALA A 32 4.45 -3.55 -18.60
N ARG A 33 3.76 -3.59 -19.73
CA ARG A 33 2.40 -3.07 -19.86
C ARG A 33 1.63 -4.02 -20.76
N TRP A 34 0.36 -4.24 -20.44
CA TRP A 34 -0.50 -5.05 -21.29
C TRP A 34 -1.86 -4.39 -21.37
N ASP A 35 -2.83 -5.07 -21.97
CA ASP A 35 -4.08 -4.38 -22.25
C ASP A 35 -4.80 -3.97 -20.99
N SER A 36 -4.54 -4.64 -19.88
N SER A 36 -4.57 -4.64 -19.86
CA SER A 36 -5.29 -4.43 -18.65
CA SER A 36 -5.31 -4.30 -18.66
C SER A 36 -4.43 -4.05 -17.45
C SER A 36 -4.41 -4.12 -17.44
N GLY A 37 -3.14 -3.81 -17.63
CA GLY A 37 -2.34 -3.42 -16.47
C GLY A 37 -0.91 -3.07 -16.82
N ALA A 38 -0.15 -2.77 -15.77
CA ALA A 38 1.27 -2.49 -15.91
C ALA A 38 1.98 -2.88 -14.63
N TYR A 39 3.25 -3.23 -14.77
CA TYR A 39 4.14 -3.48 -13.65
C TYR A 39 5.26 -2.44 -13.65
N LEU A 40 5.44 -1.80 -12.50
CA LEU A 40 6.49 -0.82 -12.28
C LEU A 40 7.24 -1.19 -11.00
N SER A 41 8.44 -0.62 -10.84
CA SER A 41 9.12 -0.72 -9.57
C SER A 41 9.58 0.66 -9.12
N CYS A 42 9.69 0.79 -7.81
CA CYS A 42 10.17 2.01 -7.18
C CYS A 42 11.12 1.51 -6.10
N GLY A 43 12.42 1.52 -6.38
CA GLY A 43 13.33 0.79 -5.52
C GLY A 43 12.88 -0.65 -5.45
N ASP A 44 12.73 -1.16 -4.23
N ASP A 44 12.71 -1.15 -4.23
CA ASP A 44 12.30 -2.54 -4.01
CA ASP A 44 12.30 -2.53 -4.00
C ASP A 44 10.79 -2.73 -4.18
C ASP A 44 10.78 -2.71 -4.01
N LEU A 45 10.00 -1.66 -4.22
CA LEU A 45 8.56 -1.81 -4.35
C LEU A 45 8.13 -2.30 -5.73
N TRP A 46 7.31 -3.34 -5.74
CA TRP A 46 6.59 -3.81 -6.92
C TRP A 46 5.22 -3.15 -6.90
N LEU A 47 5.00 -2.26 -7.87
CA LEU A 47 3.74 -1.59 -8.09
C LEU A 47 3.02 -2.20 -9.30
N CYS A 48 1.74 -2.53 -9.13
N CYS A 48 1.78 -2.62 -9.11
CA CYS A 48 0.89 -3.03 -10.19
CA CYS A 48 0.91 -3.01 -10.21
C CYS A 48 -0.26 -2.07 -10.39
C CYS A 48 -0.16 -1.95 -10.36
N LEU A 49 -0.39 -1.53 -11.60
CA LEU A 49 -1.53 -0.71 -11.98
C LEU A 49 -2.48 -1.64 -12.70
N SER A 50 -3.71 -1.78 -12.20
CA SER A 50 -4.66 -2.72 -12.75
C SER A 50 -5.88 -1.96 -13.28
N LEU A 51 -6.13 -2.08 -14.58
CA LEU A 51 -7.29 -1.42 -15.16
C LEU A 51 -8.57 -2.02 -14.59
N ASP A 52 -9.39 -1.20 -13.98
CA ASP A 52 -10.58 -1.71 -13.31
C ASP A 52 -11.74 -0.80 -13.69
N PRO A 53 -12.76 -1.30 -14.39
CA PRO A 53 -13.93 -0.47 -14.67
C PRO A 53 -14.68 0.00 -13.43
N GLN A 54 -14.43 -0.60 -12.28
N GLN A 54 -14.43 -0.58 -12.27
CA GLN A 54 -15.05 -0.15 -11.04
CA GLN A 54 -15.06 -0.13 -11.03
C GLN A 54 -14.35 1.06 -10.42
C GLN A 54 -14.26 0.94 -10.30
N ARG A 55 -13.11 1.36 -10.80
CA ARG A 55 -12.41 2.49 -10.21
C ARG A 55 -13.05 3.82 -10.58
N ARG A 56 -13.33 4.63 -9.56
CA ARG A 56 -13.87 5.96 -9.75
C ARG A 56 -12.81 7.00 -9.41
N VAL A 57 -12.81 8.09 -10.18
CA VAL A 57 -11.99 9.25 -9.86
C VAL A 57 -12.61 9.88 -8.62
N THR A 58 -11.88 9.87 -7.52
CA THR A 58 -12.47 10.13 -6.22
C THR A 58 -11.89 11.37 -5.58
N PRO A 59 -12.70 12.40 -5.30
CA PRO A 59 -12.16 13.58 -4.64
C PRO A 59 -11.72 13.23 -3.23
N PRO A 60 -10.73 13.94 -2.71
CA PRO A 60 -10.11 13.51 -1.45
C PRO A 60 -11.03 13.67 -0.26
N GLU A 61 -12.04 14.53 -0.34
CA GLU A 61 -12.98 14.68 0.75
C GLU A 61 -13.95 13.50 0.81
N GLU A 62 -14.03 12.67 -0.22
N GLU A 62 -14.02 12.70 -0.26
CA GLU A 62 -14.94 11.54 -0.23
CA GLU A 62 -14.90 11.52 -0.37
C GLU A 62 -14.18 10.19 -0.18
C GLU A 62 -14.21 10.23 0.05
N SER A 63 -12.89 10.21 0.14
CA SER A 63 -12.18 9.01 0.54
C SER A 63 -11.60 9.16 1.95
N ASP A 64 -11.36 8.02 2.58
CA ASP A 64 -10.75 7.98 3.88
C ASP A 64 -9.24 8.24 3.78
N TYR A 65 -8.57 8.16 4.92
CA TYR A 65 -7.17 8.55 5.03
C TYR A 65 -6.19 7.51 4.53
N THR A 66 -6.66 6.37 3.99
CA THR A 66 -5.74 5.36 3.46
C THR A 66 -4.84 6.03 2.43
N HIS A 67 -3.52 5.80 2.53
CA HIS A 67 -2.59 6.48 1.64
C HIS A 67 -1.27 5.72 1.56
N TYR A 68 -0.48 6.10 0.55
CA TYR A 68 0.73 5.39 0.15
C TYR A 68 1.85 6.41 0.07
N ALA A 69 2.85 6.25 0.91
CA ALA A 69 3.96 7.18 0.99
C ALA A 69 5.20 6.58 0.36
N PHE A 70 5.92 7.41 -0.40
CA PHE A 70 7.16 7.00 -1.06
C PHE A 70 8.33 7.74 -0.43
N SER A 71 9.45 7.04 -0.31
CA SER A 71 10.64 7.60 0.31
C SER A 71 11.39 8.50 -0.65
N ILE A 72 11.86 9.61 -0.12
CA ILE A 72 12.70 10.54 -0.84
C ILE A 72 13.70 11.12 0.15
N SER A 73 14.87 11.48 -0.36
CA SER A 73 15.90 12.00 0.51
C SER A 73 15.62 13.44 0.91
N GLU A 74 16.26 13.85 2.00
CA GLU A 74 16.17 15.23 2.44
C GLU A 74 16.65 16.18 1.35
N ALA A 75 17.69 15.81 0.61
CA ALA A 75 18.22 16.69 -0.41
C ALA A 75 17.26 16.86 -1.59
N ASP A 76 16.45 15.85 -1.90
CA ASP A 76 15.60 15.91 -3.09
C ASP A 76 14.15 16.35 -2.79
N PHE A 77 13.75 16.33 -1.52
CA PHE A 77 12.35 16.48 -1.13
C PHE A 77 11.72 17.75 -1.66
N ALA A 78 12.30 18.90 -1.37
CA ALA A 78 11.64 20.16 -1.68
C ALA A 78 11.55 20.40 -3.19
N SER A 79 12.59 20.07 -3.94
N SER A 79 12.62 20.09 -3.91
CA SER A 79 12.53 20.34 -5.37
CA SER A 79 12.61 20.28 -5.36
C SER A 79 11.57 19.40 -6.08
C SER A 79 11.52 19.42 -6.00
N PHE A 80 11.43 18.16 -5.58
CA PHE A 80 10.46 17.22 -6.16
C PHE A 80 9.03 17.69 -5.85
N ALA A 81 8.77 18.08 -4.60
CA ALA A 81 7.45 18.60 -4.23
C ALA A 81 7.12 19.84 -5.05
N ALA A 82 8.08 20.74 -5.23
CA ALA A 82 7.79 21.96 -5.97
C ALA A 82 7.52 21.65 -7.43
N ARG A 83 8.19 20.65 -7.99
CA ARG A 83 7.92 20.24 -9.37
C ARG A 83 6.52 19.68 -9.52
N LEU A 84 6.07 18.84 -8.56
CA LEU A 84 4.68 18.37 -8.60
C LEU A 84 3.72 19.54 -8.55
N GLU A 85 3.98 20.51 -7.66
CA GLU A 85 3.11 21.67 -7.56
C GLU A 85 3.09 22.43 -8.87
N ALA A 86 4.25 22.66 -9.48
CA ALA A 86 4.25 23.41 -10.72
C ALA A 86 3.58 22.65 -11.85
N ALA A 87 3.57 21.33 -11.77
CA ALA A 87 2.90 20.53 -12.78
C ALA A 87 1.40 20.47 -12.58
N GLY A 88 0.89 21.09 -11.52
CA GLY A 88 -0.55 21.10 -11.30
C GLY A 88 -1.10 19.88 -10.61
N VAL A 89 -0.26 19.08 -9.95
CA VAL A 89 -0.74 17.89 -9.27
C VAL A 89 -1.58 18.31 -8.07
N ALA A 90 -2.77 17.72 -7.97
CA ALA A 90 -3.71 18.09 -6.93
C ALA A 90 -3.23 17.56 -5.60
N VAL A 91 -3.70 18.19 -4.54
CA VAL A 91 -3.23 17.84 -3.21
C VAL A 91 -4.40 17.44 -2.34
N TRP A 92 -4.06 16.92 -1.19
CA TRP A 92 -5.09 16.56 -0.26
C TRP A 92 -4.74 16.87 1.18
N LYS A 93 -3.52 17.29 1.49
CA LYS A 93 -3.25 17.65 2.88
C LYS A 93 -2.07 18.60 2.93
N LEU A 94 -2.09 19.51 3.91
CA LEU A 94 -1.02 20.49 4.03
C LEU A 94 -0.31 20.47 5.38
N ASN A 95 -1.02 20.13 6.45
CA ASN A 95 -0.45 20.10 7.79
C ASN A 95 0.49 18.90 7.94
N ARG A 96 1.75 19.17 8.32
CA ARG A 96 2.76 18.12 8.48
C ARG A 96 2.64 17.52 9.87
N SER A 97 1.68 16.61 10.02
CA SER A 97 1.41 15.94 11.27
C SER A 97 2.27 14.69 11.48
N GLU A 98 3.08 14.31 10.50
CA GLU A 98 3.93 13.13 10.63
C GLU A 98 5.29 13.39 10.02
N GLY A 99 5.80 14.61 10.21
CA GLY A 99 7.12 14.98 9.76
C GLY A 99 7.15 15.60 8.38
N ALA A 100 8.29 15.47 7.71
CA ALA A 100 8.49 16.14 6.42
C ALA A 100 7.79 15.33 5.32
N SER A 101 6.62 15.80 4.89
CA SER A 101 5.77 15.09 3.96
C SER A 101 5.11 16.08 3.01
N HIS A 102 4.87 15.63 1.78
CA HIS A 102 4.10 16.34 0.79
C HIS A 102 2.99 15.40 0.35
N TYR A 103 1.75 15.86 0.39
CA TYR A 103 0.59 15.03 0.09
C TYR A 103 -0.01 15.39 -1.25
N PHE A 104 -0.19 14.40 -2.14
CA PHE A 104 -0.68 14.67 -3.48
C PHE A 104 -1.52 13.50 -3.94
N LEU A 105 -2.27 13.73 -5.01
CA LEU A 105 -3.22 12.77 -5.56
C LEU A 105 -2.75 12.25 -6.92
N ASP A 106 -3.00 10.98 -7.19
CA ASP A 106 -2.84 10.41 -8.52
C ASP A 106 -4.08 10.72 -9.36
N PRO A 107 -4.05 10.37 -10.65
CA PRO A 107 -5.16 10.77 -11.53
C PRO A 107 -6.52 10.25 -11.10
N ASP A 108 -6.59 9.14 -10.37
CA ASP A 108 -7.85 8.60 -9.87
C ASP A 108 -8.15 9.02 -8.44
N GLY A 109 -7.33 9.89 -7.85
CA GLY A 109 -7.54 10.28 -6.48
C GLY A 109 -6.92 9.35 -5.45
N HIS A 110 -6.11 8.37 -5.86
CA HIS A 110 -5.34 7.65 -4.85
C HIS A 110 -4.48 8.66 -4.07
N LYS A 111 -4.48 8.54 -2.76
CA LYS A 111 -3.77 9.45 -1.87
C LYS A 111 -2.32 9.00 -1.73
N LEU A 112 -1.43 9.85 -2.22
CA LEU A 112 0.01 9.61 -2.22
C LEU A 112 0.71 10.62 -1.33
N GLU A 113 1.96 10.32 -1.00
CA GLU A 113 2.77 11.14 -0.12
C GLU A 113 4.23 10.93 -0.49
N LEU A 114 5.00 12.02 -0.44
CA LEU A 114 6.47 11.99 -0.37
C LEU A 114 6.84 12.18 1.10
N HIS A 115 7.68 11.30 1.65
CA HIS A 115 8.10 11.44 3.03
C HIS A 115 9.60 11.24 3.18
N VAL A 116 10.21 12.07 4.01
CA VAL A 116 11.61 11.95 4.39
C VAL A 116 11.66 11.30 5.77
N GLY A 117 12.27 10.14 5.86
CA GLY A 117 12.57 9.55 7.16
C GLY A 117 12.01 8.15 7.33
N SER A 118 12.67 7.37 8.19
CA SER A 118 12.29 6.00 8.48
C SER A 118 11.31 5.93 9.65
N LEU A 119 10.79 4.74 9.90
CA LEU A 119 9.98 4.51 11.10
C LEU A 119 10.78 4.79 12.36
N ALA A 120 12.03 4.34 12.42
CA ALA A 120 12.86 4.61 13.59
C ALA A 120 12.96 6.12 13.81
N GLN A 121 13.17 6.88 12.75
CA GLN A 121 13.29 8.33 12.91
C GLN A 121 11.98 8.94 13.36
N ARG A 122 10.86 8.43 12.87
N ARG A 122 10.87 8.45 12.80
CA ARG A 122 9.57 8.96 13.27
CA ARG A 122 9.55 8.88 13.24
C ARG A 122 9.27 8.62 14.74
C ARG A 122 9.38 8.65 14.73
N LEU A 123 9.67 7.44 15.18
CA LEU A 123 9.49 7.10 16.59
C LEU A 123 10.32 8.03 17.48
N ALA A 124 11.56 8.28 17.09
CA ALA A 124 12.42 9.18 17.86
C ALA A 124 11.83 10.58 17.91
N ALA A 125 11.30 11.07 16.80
CA ALA A 125 10.70 12.39 16.79
C ALA A 125 9.46 12.42 17.67
N CYS A 126 8.69 11.33 17.65
CA CYS A 126 7.46 11.25 18.43
C CYS A 126 7.73 11.18 19.93
N ARG A 127 8.88 10.66 20.33
CA ARG A 127 9.19 10.67 21.75
C ARG A 127 9.27 12.10 22.26
N GLU A 128 9.76 13.03 21.44
CA GLU A 128 9.88 14.42 21.85
C GLU A 128 8.58 15.19 21.64
N GLN A 129 7.86 14.86 20.57
CA GLN A 129 6.61 15.52 20.20
C GLN A 129 5.60 14.42 19.92
N PRO A 130 5.10 13.79 20.98
CA PRO A 130 4.24 12.61 20.80
C PRO A 130 2.84 13.00 20.36
N TYR A 131 2.22 12.09 19.63
N TYR A 131 2.21 12.08 19.65
CA TYR A 131 0.79 12.18 19.38
CA TYR A 131 0.79 12.17 19.45
C TYR A 131 0.05 11.92 20.70
C TYR A 131 0.10 12.10 20.81
N LYS A 132 -1.15 12.50 20.82
CA LYS A 132 -1.90 12.42 22.08
C LYS A 132 -2.11 10.97 22.52
N GLY A 133 -1.76 10.68 23.76
CA GLY A 133 -1.91 9.34 24.29
C GLY A 133 -0.86 8.34 23.85
N MET A 134 0.25 8.79 23.27
CA MET A 134 1.17 7.85 22.65
C MET A 134 1.91 7.00 23.67
N VAL A 135 1.98 5.70 23.39
N VAL A 135 1.98 5.70 23.39
CA VAL A 135 2.75 4.71 24.13
CA VAL A 135 2.77 4.74 24.13
C VAL A 135 3.68 4.00 23.16
C VAL A 135 3.70 4.05 23.15
N PHE A 136 4.90 3.74 23.63
CA PHE A 136 5.93 3.07 22.85
C PHE A 136 6.18 1.69 23.44
N PHE A 137 6.38 0.72 22.55
CA PHE A 137 6.63 -0.66 22.95
C PHE A 137 8.07 -1.05 22.62
N MET B 1 14.42 11.83 -6.49
CA MET B 1 14.18 10.43 -6.94
C MET B 1 13.55 9.61 -5.83
N LEU B 2 12.55 8.80 -6.14
CA LEU B 2 11.88 8.01 -5.10
C LEU B 2 12.61 6.70 -4.93
N SER B 3 12.80 6.29 -3.69
CA SER B 3 13.64 5.13 -3.43
C SER B 3 12.90 3.90 -2.94
N GLY B 4 11.59 3.96 -2.76
CA GLY B 4 10.82 2.81 -2.32
C GLY B 4 9.53 3.26 -1.67
N LEU B 5 8.80 2.30 -1.12
CA LEU B 5 7.63 2.61 -0.32
C LEU B 5 8.10 3.00 1.07
N ASN B 6 7.72 4.18 1.51
CA ASN B 6 8.07 4.63 2.84
C ASN B 6 7.14 4.03 3.89
N HIS B 7 5.83 4.16 3.70
CA HIS B 7 4.87 3.53 4.59
C HIS B 7 3.54 3.34 3.87
N LEU B 8 2.76 2.39 4.38
CA LEU B 8 1.38 2.15 3.98
C LEU B 8 0.51 2.55 5.15
N THR B 9 -0.44 3.46 4.92
CA THR B 9 -1.40 3.84 5.93
C THR B 9 -2.78 3.34 5.57
N LEU B 10 -3.38 2.59 6.48
CA LEU B 10 -4.74 2.10 6.34
C LEU B 10 -5.65 2.86 7.30
N ALA B 11 -6.70 3.47 6.76
CA ALA B 11 -7.74 4.02 7.62
C ALA B 11 -8.57 2.92 8.24
N VAL B 12 -8.84 3.03 9.53
CA VAL B 12 -9.56 1.99 10.26
C VAL B 12 -10.72 2.61 11.01
N SER B 13 -11.82 1.85 11.14
CA SER B 13 -12.99 2.38 11.85
C SER B 13 -12.90 2.18 13.35
N GLN B 14 -12.19 1.14 13.81
CA GLN B 14 -12.06 0.85 15.24
C GLN B 14 -10.63 0.39 15.46
N LEU B 15 -9.88 1.10 16.29
CA LEU B 15 -8.46 0.84 16.41
C LEU B 15 -8.16 -0.51 17.05
N ALA B 16 -8.86 -0.85 18.13
CA ALA B 16 -8.52 -2.09 18.83
C ALA B 16 -8.64 -3.34 17.97
N PRO B 17 -9.75 -3.56 17.24
CA PRO B 17 -9.80 -4.79 16.43
C PRO B 17 -8.78 -4.77 15.30
N SER B 18 -8.45 -3.59 14.78
CA SER B 18 -7.45 -3.53 13.72
C SER B 18 -6.06 -3.86 14.27
N VAL B 19 -5.70 -3.31 15.43
CA VAL B 19 -4.44 -3.71 16.06
C VAL B 19 -4.42 -5.21 16.32
N ALA B 20 -5.52 -5.76 16.83
CA ALA B 20 -5.56 -7.20 17.09
C ALA B 20 -5.32 -7.98 15.81
N PHE B 21 -5.95 -7.57 14.71
CA PHE B 21 -5.82 -8.27 13.44
C PHE B 21 -4.39 -8.25 12.94
N TYR B 22 -3.78 -7.05 12.85
CA TYR B 22 -2.45 -6.96 12.28
C TYR B 22 -1.36 -7.48 13.22
N GLN B 23 -1.44 -7.18 14.52
CA GLN B 23 -0.44 -7.65 15.46
C GLN B 23 -0.64 -9.13 15.82
N GLN B 24 -1.81 -9.47 16.36
CA GLN B 24 -1.97 -10.81 16.91
C GLN B 24 -2.24 -11.84 15.81
N LEU B 25 -3.21 -11.58 14.93
CA LEU B 25 -3.53 -12.58 13.92
C LEU B 25 -2.43 -12.66 12.87
N LEU B 26 -2.00 -11.52 12.33
N LEU B 26 -1.98 -11.51 12.35
CA LEU B 26 -1.02 -11.55 11.24
CA LEU B 26 -1.03 -11.51 11.25
C LEU B 26 0.42 -11.62 11.74
C LEU B 26 0.41 -11.45 11.70
N GLY B 27 0.67 -11.29 12.99
CA GLY B 27 2.01 -11.41 13.54
C GLY B 27 2.93 -10.22 13.36
N MET B 28 2.40 -9.07 12.99
CA MET B 28 3.22 -7.89 12.80
C MET B 28 3.65 -7.31 14.15
N THR B 29 4.75 -6.56 14.13
CA THR B 29 5.31 -5.99 15.36
C THR B 29 4.68 -4.63 15.63
N LEU B 30 4.13 -4.46 16.82
CA LEU B 30 3.53 -3.19 17.23
C LEU B 30 4.60 -2.33 17.90
N HIS B 31 4.90 -1.17 17.32
CA HIS B 31 5.91 -0.29 17.87
C HIS B 31 5.36 0.84 18.72
N ALA B 32 4.16 1.31 18.41
CA ALA B 32 3.60 2.44 19.15
C ALA B 32 2.11 2.52 18.85
N ARG B 33 1.37 3.09 19.79
CA ARG B 33 -0.04 3.33 19.63
C ARG B 33 -0.40 4.63 20.34
N TRP B 34 -1.38 5.34 19.78
CA TRP B 34 -1.85 6.59 20.35
C TRP B 34 -3.35 6.61 20.22
N ASP B 35 -3.97 7.69 20.68
CA ASP B 35 -5.42 7.70 20.74
C ASP B 35 -6.05 7.48 19.37
N SER B 36 -5.36 7.86 18.29
CA SER B 36 -5.96 7.76 16.97
C SER B 36 -5.12 6.96 15.98
N GLY B 37 -4.22 6.09 16.43
CA GLY B 37 -3.55 5.25 15.45
C GLY B 37 -2.51 4.34 16.08
N ALA B 38 -1.80 3.64 15.20
CA ALA B 38 -0.75 2.71 15.62
C ALA B 38 0.28 2.61 14.52
N TYR B 39 1.52 2.34 14.92
CA TYR B 39 2.59 1.99 14.00
C TYR B 39 3.02 0.55 14.23
N LEU B 40 3.08 -0.21 13.13
CA LEU B 40 3.55 -1.59 13.14
C LEU B 40 4.60 -1.73 12.05
N SER B 41 5.38 -2.80 12.15
CA SER B 41 6.26 -3.21 11.07
C SER B 41 6.03 -4.67 10.70
N CYS B 42 6.33 -4.95 9.46
CA CYS B 42 6.26 -6.30 8.91
C CYS B 42 7.45 -6.39 7.97
N GLY B 43 8.53 -7.02 8.41
CA GLY B 43 9.78 -6.92 7.65
C GLY B 43 10.12 -5.45 7.48
N ASP B 44 10.40 -5.06 6.24
N ASP B 44 10.42 -5.05 6.23
CA ASP B 44 10.74 -3.69 5.92
CA ASP B 44 10.75 -3.67 5.91
C ASP B 44 9.53 -2.82 5.63
C ASP B 44 9.53 -2.75 5.91
N LEU B 45 8.32 -3.32 5.85
CA LEU B 45 7.12 -2.50 5.75
C LEU B 45 6.83 -1.76 7.03
N TRP B 46 6.66 -0.45 6.92
CA TRP B 46 6.10 0.41 7.96
C TRP B 46 4.62 0.56 7.67
N LEU B 47 3.79 0.00 8.55
CA LEU B 47 2.36 0.08 8.46
C LEU B 47 1.83 1.05 9.50
N CYS B 48 0.98 1.97 9.08
N CYS B 48 0.98 1.97 9.08
CA CYS B 48 0.28 2.86 10.01
CA CYS B 48 0.26 2.87 9.96
C CYS B 48 -1.20 2.55 9.94
C CYS B 48 -1.21 2.49 9.94
N LEU B 49 -1.81 2.32 11.11
CA LEU B 49 -3.26 2.24 11.25
C LEU B 49 -3.73 3.60 11.76
N SER B 50 -4.62 4.25 11.02
CA SER B 50 -5.10 5.59 11.36
C SER B 50 -6.60 5.54 11.61
N LEU B 51 -7.00 5.83 12.85
CA LEU B 51 -8.42 5.83 13.20
C LEU B 51 -9.10 6.94 12.43
N ASP B 52 -10.12 6.61 11.67
CA ASP B 52 -10.77 7.57 10.78
C ASP B 52 -12.27 7.33 10.78
N PRO B 53 -13.08 8.25 11.31
N PRO B 53 -13.04 8.25 11.35
CA PRO B 53 -14.53 8.01 11.27
CA PRO B 53 -14.52 8.13 11.30
C PRO B 53 -15.07 7.93 9.86
C PRO B 53 -15.09 8.10 9.90
N GLN B 54 -14.30 8.41 8.87
CA GLN B 54 -14.75 8.31 7.51
C GLN B 54 -14.63 6.89 6.98
N ARG B 55 -13.89 6.00 7.65
CA ARG B 55 -13.75 4.66 7.10
C ARG B 55 -15.05 3.87 7.25
N ARG B 56 -15.51 3.32 6.15
N ARG B 56 -15.54 3.35 6.13
CA ARG B 56 -16.68 2.47 6.13
CA ARG B 56 -16.70 2.46 6.10
C ARG B 56 -16.25 1.01 6.06
C ARG B 56 -16.21 1.01 6.10
N VAL B 57 -16.95 0.16 6.80
CA VAL B 57 -16.73 -1.29 6.69
C VAL B 57 -17.31 -1.68 5.35
N THR B 58 -16.44 -2.02 4.40
CA THR B 58 -16.82 -2.01 3.00
C THR B 58 -16.87 -3.42 2.44
N PRO B 59 -18.03 -3.90 1.99
CA PRO B 59 -18.06 -5.21 1.36
C PRO B 59 -17.19 -5.25 0.13
N PRO B 60 -16.62 -6.42 -0.20
CA PRO B 60 -15.64 -6.47 -1.31
C PRO B 60 -16.27 -6.19 -2.66
N GLU B 61 -17.56 -6.47 -2.84
CA GLU B 61 -18.23 -6.11 -4.08
C GLU B 61 -18.34 -4.61 -4.27
N GLU B 62 -18.16 -3.83 -3.20
CA GLU B 62 -18.33 -2.39 -3.25
C GLU B 62 -17.02 -1.62 -3.28
N SER B 63 -15.89 -2.30 -3.35
CA SER B 63 -14.62 -1.63 -3.49
C SER B 63 -13.97 -2.12 -4.77
N ASP B 64 -13.04 -1.31 -5.29
CA ASP B 64 -12.29 -1.69 -6.47
C ASP B 64 -11.16 -2.66 -6.10
N TYR B 65 -10.35 -3.01 -7.10
CA TYR B 65 -9.34 -4.04 -7.01
C TYR B 65 -8.07 -3.61 -6.30
N THR B 66 -7.99 -2.36 -5.82
CA THR B 66 -6.81 -1.93 -5.07
C THR B 66 -6.57 -2.88 -3.90
N HIS B 67 -5.34 -3.35 -3.73
CA HIS B 67 -5.07 -4.33 -2.70
C HIS B 67 -3.60 -4.34 -2.31
N TYR B 68 -3.33 -4.95 -1.18
CA TYR B 68 -2.03 -4.93 -0.52
C TYR B 68 -1.61 -6.36 -0.27
N ALA B 69 -0.50 -6.80 -0.90
CA ALA B 69 -0.02 -8.16 -0.80
C ALA B 69 1.18 -8.21 0.11
N PHE B 70 1.17 -9.18 1.05
CA PHE B 70 2.30 -9.44 1.94
C PHE B 70 3.08 -10.65 1.49
N SER B 71 4.40 -10.59 1.67
CA SER B 71 5.24 -11.72 1.31
C SER B 71 5.23 -12.79 2.38
N ILE B 72 5.23 -14.03 1.93
CA ILE B 72 5.34 -15.19 2.78
C ILE B 72 6.09 -16.25 2.00
N SER B 73 6.81 -17.15 2.67
CA SER B 73 7.48 -18.23 1.95
C SER B 73 6.46 -19.29 1.51
N GLU B 74 6.84 -20.03 0.48
CA GLU B 74 6.00 -21.13 0.07
C GLU B 74 5.80 -22.11 1.21
N ALA B 75 6.85 -22.36 1.99
CA ALA B 75 6.75 -23.35 3.06
C ALA B 75 5.75 -22.94 4.13
N ASP B 76 5.58 -21.63 4.37
CA ASP B 76 4.70 -21.16 5.42
C ASP B 76 3.28 -20.84 4.92
N PHE B 77 3.08 -20.81 3.60
CA PHE B 77 1.83 -20.30 3.03
C PHE B 77 0.60 -21.07 3.51
N ALA B 78 0.62 -22.41 3.40
CA ALA B 78 -0.61 -23.16 3.68
C ALA B 78 -1.01 -23.05 5.14
N SER B 79 -0.05 -23.04 6.06
N SER B 79 -0.03 -23.08 6.04
CA SER B 79 -0.43 -22.96 7.47
CA SER B 79 -0.32 -22.93 7.46
C SER B 79 -0.91 -21.56 7.83
C SER B 79 -0.97 -21.58 7.74
N PHE B 80 -0.41 -20.51 7.17
CA PHE B 80 -0.91 -19.18 7.43
C PHE B 80 -2.33 -19.03 6.87
N ALA B 81 -2.56 -19.53 5.67
CA ALA B 81 -3.92 -19.52 5.13
C ALA B 81 -4.87 -20.27 6.06
N ALA B 82 -4.44 -21.41 6.60
CA ALA B 82 -5.29 -22.17 7.51
C ALA B 82 -5.58 -21.40 8.78
N ARG B 83 -4.61 -20.64 9.28
CA ARG B 83 -4.82 -19.78 10.44
C ARG B 83 -5.90 -18.75 10.16
N LEU B 84 -5.81 -18.07 9.02
CA LEU B 84 -6.83 -17.10 8.66
C LEU B 84 -8.18 -17.76 8.54
N GLU B 85 -8.25 -18.96 7.95
N GLU B 85 -8.24 -18.96 7.96
CA GLU B 85 -9.51 -19.67 7.84
CA GLU B 85 -9.51 -19.66 7.83
C GLU B 85 -10.07 -20.01 9.21
C GLU B 85 -10.07 -20.04 9.20
N ALA B 86 -9.22 -20.49 10.12
CA ALA B 86 -9.69 -20.84 11.46
C ALA B 86 -10.30 -19.63 12.15
N ALA B 87 -9.70 -18.46 11.94
CA ALA B 87 -10.19 -17.20 12.50
C ALA B 87 -11.40 -16.66 11.77
N GLY B 88 -11.88 -17.33 10.73
CA GLY B 88 -13.06 -16.89 10.01
C GLY B 88 -12.85 -15.68 9.14
N VAL B 89 -11.62 -15.45 8.70
CA VAL B 89 -11.34 -14.29 7.86
C VAL B 89 -11.87 -14.56 6.46
N ALA B 90 -12.63 -13.61 5.93
CA ALA B 90 -13.26 -13.80 4.62
C ALA B 90 -12.27 -13.71 3.47
N VAL B 91 -12.53 -14.50 2.45
CA VAL B 91 -11.77 -14.52 1.20
C VAL B 91 -12.56 -13.73 0.17
N TRP B 92 -11.87 -12.92 -0.64
CA TRP B 92 -12.53 -12.09 -1.63
C TRP B 92 -12.27 -12.50 -3.08
N LYS B 93 -11.41 -13.49 -3.32
CA LYS B 93 -11.04 -13.93 -4.67
C LYS B 93 -10.34 -15.28 -4.54
N LEU B 94 -10.49 -16.15 -5.57
CA LEU B 94 -9.65 -17.34 -5.71
C LEU B 94 -8.41 -17.04 -6.56
N ASN B 95 -7.31 -17.74 -6.28
CA ASN B 95 -6.11 -17.58 -7.07
C ASN B 95 -6.22 -18.26 -8.43
N ARG B 96 -5.88 -17.51 -9.50
CA ARG B 96 -5.78 -18.02 -10.86
C ARG B 96 -4.52 -17.57 -11.60
N SER B 97 -3.53 -17.01 -10.90
N SER B 97 -3.49 -17.13 -10.90
CA SER B 97 -2.30 -16.49 -11.49
CA SER B 97 -2.30 -16.62 -11.56
C SER B 97 -1.11 -17.31 -10.99
C SER B 97 -1.07 -17.17 -10.83
N GLU B 98 0.11 -16.92 -11.40
CA GLU B 98 1.28 -17.67 -10.97
C GLU B 98 1.70 -17.24 -9.57
N GLY B 99 2.22 -18.22 -8.85
CA GLY B 99 2.60 -18.02 -7.48
C GLY B 99 1.40 -18.19 -6.57
N ALA B 100 1.61 -18.84 -5.45
CA ALA B 100 0.56 -18.97 -4.47
C ALA B 100 0.05 -17.60 -4.02
N SER B 101 -1.27 -17.48 -3.93
CA SER B 101 -1.91 -16.27 -3.43
C SER B 101 -3.15 -16.64 -2.65
N HIS B 102 -3.34 -15.98 -1.50
CA HIS B 102 -4.53 -16.10 -0.67
C HIS B 102 -5.09 -14.69 -0.52
N TYR B 103 -6.34 -14.49 -0.91
CA TYR B 103 -6.95 -13.17 -0.96
C TYR B 103 -7.95 -13.01 0.18
N PHE B 104 -7.66 -12.13 1.12
CA PHE B 104 -8.42 -12.06 2.36
C PHE B 104 -8.71 -10.61 2.73
N LEU B 105 -9.72 -10.42 3.57
CA LEU B 105 -10.19 -9.09 3.95
C LEU B 105 -9.81 -8.75 5.39
N ASP B 106 -9.46 -7.49 5.62
CA ASP B 106 -9.25 -6.99 6.98
C ASP B 106 -10.60 -6.60 7.58
N PRO B 107 -10.61 -6.19 8.86
CA PRO B 107 -11.89 -5.93 9.53
C PRO B 107 -12.74 -4.85 8.88
N ASP B 108 -12.12 -3.92 8.18
CA ASP B 108 -12.82 -2.85 7.50
C ASP B 108 -13.05 -3.13 6.02
N GLY B 109 -12.66 -4.32 5.55
CA GLY B 109 -12.78 -4.64 4.14
C GLY B 109 -11.59 -4.24 3.30
N HIS B 110 -10.47 -3.81 3.90
CA HIS B 110 -9.29 -3.61 3.06
C HIS B 110 -8.94 -4.94 2.42
N LYS B 111 -8.62 -4.90 1.13
CA LYS B 111 -8.29 -6.09 0.38
C LYS B 111 -6.82 -6.42 0.55
N LEU B 112 -6.55 -7.57 1.13
CA LEU B 112 -5.21 -8.07 1.41
C LEU B 112 -4.94 -9.34 0.63
N GLU B 113 -3.66 -9.69 0.54
CA GLU B 113 -3.23 -10.89 -0.15
C GLU B 113 -1.99 -11.42 0.54
N LEU B 114 -1.86 -12.75 0.61
CA LEU B 114 -0.59 -13.41 0.84
C LEU B 114 -0.08 -13.86 -0.51
N HIS B 115 1.15 -13.51 -0.88
CA HIS B 115 1.70 -13.95 -2.14
C HIS B 115 3.10 -14.48 -1.96
N VAL B 116 3.40 -15.55 -2.69
CA VAL B 116 4.72 -16.12 -2.82
C VAL B 116 5.24 -15.81 -4.22
N GLY B 117 6.34 -15.07 -4.29
CA GLY B 117 6.96 -14.81 -5.59
C GLY B 117 7.22 -13.33 -5.77
N SER B 118 8.31 -13.03 -6.46
CA SER B 118 8.78 -11.69 -6.71
C SER B 118 8.31 -11.16 -8.06
N LEU B 119 8.59 -9.87 -8.27
CA LEU B 119 8.35 -9.27 -9.58
C LEU B 119 9.18 -9.98 -10.65
N ALA B 120 10.44 -10.29 -10.34
CA ALA B 120 11.27 -11.00 -11.31
C ALA B 120 10.65 -12.32 -11.71
N GLN B 121 10.11 -13.07 -10.75
CA GLN B 121 9.46 -14.33 -11.06
C GLN B 121 8.24 -14.12 -11.95
N ARG B 122 7.44 -13.11 -11.64
CA ARG B 122 6.27 -12.81 -12.45
C ARG B 122 6.66 -12.43 -13.86
N LEU B 123 7.69 -11.57 -14.01
CA LEU B 123 8.10 -11.16 -15.34
C LEU B 123 8.62 -12.34 -16.13
N ALA B 124 9.36 -13.25 -15.49
CA ALA B 124 9.85 -14.42 -16.21
C ALA B 124 8.69 -15.27 -16.72
N ALA B 125 7.68 -15.49 -15.89
CA ALA B 125 6.51 -16.26 -16.31
C ALA B 125 5.79 -15.55 -17.45
N CYS B 126 5.67 -14.22 -17.37
CA CYS B 126 5.01 -13.45 -18.40
C CYS B 126 5.77 -13.47 -19.72
N ARG B 127 7.10 -13.47 -19.67
N ARG B 127 7.10 -13.45 -19.67
CA ARG B 127 7.87 -13.51 -20.92
CA ARG B 127 7.85 -13.53 -20.92
C ARG B 127 7.64 -14.83 -21.64
C ARG B 127 7.53 -14.82 -21.64
N GLU B 128 7.41 -15.91 -20.90
CA GLU B 128 7.12 -17.20 -21.52
C GLU B 128 5.67 -17.30 -22.00
N GLN B 129 4.75 -16.62 -21.33
CA GLN B 129 3.33 -16.69 -21.65
C GLN B 129 2.73 -15.31 -21.50
N PRO B 130 2.95 -14.42 -22.45
CA PRO B 130 2.58 -13.02 -22.22
C PRO B 130 1.08 -12.84 -22.18
N TYR B 131 0.63 -11.92 -21.34
CA TYR B 131 -0.75 -11.52 -21.31
C TYR B 131 -1.11 -10.83 -22.63
N LYS B 132 -2.41 -10.72 -22.88
CA LYS B 132 -2.87 -10.06 -24.10
C LYS B 132 -2.36 -8.63 -24.17
N GLY B 133 -1.70 -8.31 -25.27
CA GLY B 133 -1.15 -6.98 -25.47
C GLY B 133 0.13 -6.69 -24.73
N MET B 134 0.81 -7.68 -24.20
CA MET B 134 1.94 -7.41 -23.32
C MET B 134 3.18 -7.00 -24.09
N VAL B 135 3.80 -5.94 -23.58
CA VAL B 135 5.06 -5.39 -24.06
C VAL B 135 5.96 -5.21 -22.84
N PHE B 136 7.24 -5.51 -23.02
CA PHE B 136 8.26 -5.41 -21.99
C PHE B 136 9.16 -4.21 -22.28
N PHE B 137 9.77 -3.69 -21.22
CA PHE B 137 10.63 -2.53 -21.32
C PHE B 137 11.92 -2.80 -20.59
C1 EDO C . -9.99 -5.45 -12.51
O1 EDO C . -8.81 -4.76 -12.18
C2 EDO C . -10.12 -6.75 -11.76
O2 EDO C . -8.90 -7.48 -11.83
H11 EDO C . -10.02 -5.66 -13.47
H12 EDO C . -10.78 -4.92 -12.32
HO1 EDO C . -8.83 -4.00 -12.55
H21 EDO C . -10.87 -7.25 -12.14
H22 EDO C . -10.36 -6.54 -10.84
HO2 EDO C . -9.00 -8.21 -11.40
MN MN D . 1.70 9.19 5.69
C10 UI4 E . 4.21 2.43 -24.26
C02 UI4 E . -0.18 -2.29 -24.88
C03 UI4 E . -0.71 -1.07 -25.27
C04 UI4 E . 0.10 0.06 -25.32
C05 UI4 E . 1.45 -0.01 -24.99
C06 UI4 E . 1.96 -1.25 -24.61
C07 UI4 E . 1.17 -2.37 -24.55
C08 UI4 E . 2.32 1.20 -25.01
C09 UI4 E . 3.46 1.27 -24.23
C11 UI4 E . 3.82 3.48 -25.05
C12 UI4 E . 2.67 3.34 -25.81
N13 UI4 E . 1.92 2.22 -25.79
O01 UI4 E . -0.99 -3.37 -24.68
H1 UI4 E . 5.03 2.50 -23.71
H2 UI4 E . -1.65 -1.00 -25.50
H3 UI4 E . -0.30 0.91 -25.58
H4 UI4 E . 2.92 -1.33 -24.37
H5 UI4 E . 1.57 -3.23 -24.28
H6 UI4 E . 3.74 0.53 -23.66
H7 UI4 E . 4.34 4.31 -25.09
H8 UI4 E . 2.35 4.05 -26.38
H9 UI4 E . -0.55 -4.00 -24.32
S DMS F . 11.43 -1.04 8.83
O DMS F . 12.16 0.28 8.89
C1 DMS F . 9.72 -0.48 8.65
C2 DMS F . 11.16 -1.62 10.52
H11 DMS F . 9.56 -0.26 7.72
H12 DMS F . 9.58 0.30 9.20
H13 DMS F . 9.12 -1.19 8.93
H21 DMS F . 10.60 -0.98 10.99
H22 DMS F . 12.01 -1.70 10.98
H23 DMS F . 10.72 -2.48 10.51
MN MN G . -2.03 -9.09 -6.07
#